data_7W9H
#
_entry.id   7W9H
#
_cell.length_a   33.715
_cell.length_b   67.712
_cell.length_c   51.429
_cell.angle_alpha   90.000
_cell.angle_beta   92.174
_cell.angle_gamma   90.000
#
_symmetry.space_group_name_H-M   'P 1 21 1'
#
loop_
_entity.id
_entity.type
_entity.pdbx_description
1 polymer 'Response regulator protein FleR'
2 non-polymer 'CALCIUM ION'
3 non-polymer 'ACETATE ION'
4 water water
#
_entity_poly.entity_id   1
_entity_poly.type   'polypeptide(L)'
_entity_poly.pdbx_seq_one_letter_code
;GPHMMAAKVLLVEDDRALREALSDTLLLGGHEFVAVDSAEAALPVLAREAFSLVISDVNMPGMDGHQLLGLIRTRYPHLP
VLLMTAYGAVDRAVEAMRQGAADYLVKPFEARALLDLVARHALGQLPGSEEDGP
;
_entity_poly.pdbx_strand_id   A,B
#
loop_
_chem_comp.id
_chem_comp.type
_chem_comp.name
_chem_comp.formula
ACT non-polymer 'ACETATE ION' 'C2 H3 O2 -1'
CA non-polymer 'CALCIUM ION' 'Ca 2'
#
# COMPACT_ATOMS: atom_id res chain seq x y z
N MET A 5 10.89 0.73 -13.49
CA MET A 5 9.84 0.87 -12.48
C MET A 5 9.22 -0.49 -12.15
N ALA A 6 9.46 -1.44 -13.06
CA ALA A 6 8.86 -2.76 -12.94
C ALA A 6 9.54 -3.59 -11.85
N ALA A 7 8.76 -4.47 -11.23
CA ALA A 7 9.24 -5.46 -10.31
C ALA A 7 8.93 -6.82 -10.91
N LYS A 8 9.75 -7.82 -10.58
CA LYS A 8 9.53 -9.18 -11.03
C LYS A 8 9.05 -9.97 -9.83
N VAL A 9 7.78 -10.39 -9.86
CA VAL A 9 7.09 -10.96 -8.70
C VAL A 9 6.88 -12.44 -8.94
N LEU A 10 7.30 -13.26 -7.98
CA LEU A 10 6.96 -14.68 -7.96
C LEU A 10 5.65 -14.84 -7.19
N LEU A 11 4.66 -15.44 -7.84
CA LEU A 11 3.35 -15.62 -7.28
C LEU A 11 3.11 -17.10 -7.04
N VAL A 12 2.79 -17.47 -5.80
CA VAL A 12 2.62 -18.87 -5.40
C VAL A 12 1.22 -19.00 -4.82
N GLU A 13 0.32 -19.64 -5.57
CA GLU A 13 -1.08 -19.70 -5.17
C GLU A 13 -1.71 -20.92 -5.83
N ASP A 14 -2.25 -21.84 -5.01
CA ASP A 14 -2.86 -23.05 -5.54
C ASP A 14 -4.25 -22.82 -6.11
N ASP A 15 -4.91 -21.72 -5.76
CA ASP A 15 -6.24 -21.42 -6.29
C ASP A 15 -6.10 -20.78 -7.67
N ARG A 16 -6.44 -21.56 -8.71
CA ARG A 16 -6.54 -21.04 -10.08
C ARG A 16 -7.14 -19.64 -10.14
N ALA A 17 -8.33 -19.48 -9.54
CA ALA A 17 -9.08 -18.24 -9.74
C ALA A 17 -8.34 -17.04 -9.13
N LEU A 18 -7.93 -17.15 -7.87
CA LEU A 18 -7.16 -16.05 -7.28
C LEU A 18 -5.82 -15.85 -7.96
N ARG A 19 -5.18 -16.92 -8.42
CA ARG A 19 -3.89 -16.76 -9.11
C ARG A 19 -4.05 -15.91 -10.36
N GLU A 20 -5.12 -16.12 -11.13
CA GLU A 20 -5.29 -15.35 -12.36
C GLU A 20 -5.63 -13.90 -12.06
N ALA A 21 -6.53 -13.66 -11.11
CA ALA A 21 -6.83 -12.28 -10.72
C ALA A 21 -5.58 -11.55 -10.21
N LEU A 22 -4.70 -12.26 -9.48
CA LEU A 22 -3.50 -11.59 -8.98
C LEU A 22 -2.53 -11.32 -10.12
N SER A 23 -2.44 -12.24 -11.08
CA SER A 23 -1.66 -11.99 -12.28
C SER A 23 -2.20 -10.79 -13.04
N ASP A 24 -3.52 -10.72 -13.19
CA ASP A 24 -4.15 -9.59 -13.87
C ASP A 24 -3.78 -8.26 -13.21
N THR A 25 -3.78 -8.23 -11.89
CA THR A 25 -3.41 -7.00 -11.19
C THR A 25 -1.93 -6.66 -11.40
N LEU A 26 -1.07 -7.67 -11.32
CA LEU A 26 0.37 -7.41 -11.47
C LEU A 26 0.65 -6.75 -12.80
N LEU A 27 0.07 -7.30 -13.89
CA LEU A 27 0.23 -6.73 -15.22
C LEU A 27 -0.27 -5.29 -15.26
N LEU A 28 -1.49 -5.07 -14.76
CA LEU A 28 -2.02 -3.72 -14.64
C LEU A 28 -0.97 -2.75 -14.08
N GLY A 29 -0.22 -3.19 -13.07
CA GLY A 29 0.78 -2.29 -12.51
C GLY A 29 2.09 -2.21 -13.24
N GLY A 30 2.21 -2.80 -14.42
CA GLY A 30 3.46 -2.76 -15.16
C GLY A 30 4.55 -3.67 -14.62
N HIS A 31 4.17 -4.86 -14.13
CA HIS A 31 5.07 -5.71 -13.38
C HIS A 31 5.24 -7.06 -14.05
N GLU A 32 6.48 -7.55 -14.11
CA GLU A 32 6.73 -8.91 -14.55
C GLU A 32 6.37 -9.90 -13.45
N PHE A 33 5.97 -11.11 -13.85
CA PHE A 33 5.69 -12.11 -12.84
C PHE A 33 5.83 -13.52 -13.39
N VAL A 34 5.99 -14.46 -12.48
CA VAL A 34 5.86 -15.89 -12.73
C VAL A 34 4.88 -16.42 -11.69
N ALA A 35 3.96 -17.28 -12.12
CA ALA A 35 2.93 -17.81 -11.23
C ALA A 35 3.02 -19.32 -11.18
N VAL A 36 3.11 -19.87 -9.97
CA VAL A 36 3.16 -21.32 -9.73
C VAL A 36 2.07 -21.66 -8.73
N ASP A 37 1.78 -22.95 -8.62
CA ASP A 37 0.66 -23.39 -7.79
C ASP A 37 1.09 -24.09 -6.52
N SER A 38 2.39 -24.23 -6.27
CA SER A 38 2.86 -24.88 -5.07
C SER A 38 4.22 -24.33 -4.70
N ALA A 39 4.49 -24.27 -3.39
CA ALA A 39 5.85 -24.02 -2.92
C ALA A 39 6.86 -24.97 -3.57
N GLU A 40 6.48 -26.24 -3.80
CA GLU A 40 7.41 -27.17 -4.44
C GLU A 40 7.72 -26.74 -5.87
N ALA A 41 6.73 -26.18 -6.58
CA ALA A 41 6.99 -25.63 -7.90
C ALA A 41 7.76 -24.32 -7.83
N ALA A 42 7.68 -23.59 -6.72
CA ALA A 42 8.35 -22.32 -6.62
C ALA A 42 9.86 -22.49 -6.50
N LEU A 43 10.31 -23.57 -5.85
CA LEU A 43 11.74 -23.71 -5.58
C LEU A 43 12.58 -23.84 -6.85
N PRO A 44 12.25 -24.72 -7.82
CA PRO A 44 13.02 -24.71 -9.09
C PRO A 44 13.08 -23.34 -9.73
N VAL A 45 11.95 -22.63 -9.75
CA VAL A 45 11.90 -21.32 -10.41
C VAL A 45 12.78 -20.32 -9.69
N LEU A 46 12.81 -20.39 -8.34
CA LEU A 46 13.63 -19.46 -7.57
C LEU A 46 15.11 -19.65 -7.85
N ALA A 47 15.52 -20.85 -8.25
CA ALA A 47 16.90 -21.08 -8.62
C ALA A 47 17.19 -20.72 -10.07
N ARG A 48 16.16 -20.49 -10.89
CA ARG A 48 16.38 -20.14 -12.29
C ARG A 48 16.41 -18.64 -12.53
N GLU A 49 15.61 -17.89 -11.79
CA GLU A 49 15.39 -16.48 -12.09
C GLU A 49 15.44 -15.66 -10.81
N ALA A 50 15.96 -14.44 -10.91
CA ALA A 50 15.95 -13.53 -9.78
C ALA A 50 14.59 -12.84 -9.68
N PHE A 51 14.12 -12.64 -8.45
CA PHE A 51 12.84 -11.98 -8.26
C PHE A 51 13.01 -10.78 -7.36
N SER A 52 12.06 -9.85 -7.43
CA SER A 52 12.07 -8.73 -6.51
C SER A 52 11.17 -8.98 -5.32
N LEU A 53 10.25 -9.93 -5.42
CA LEU A 53 9.25 -10.12 -4.37
C LEU A 53 8.64 -11.51 -4.53
N VAL A 54 8.31 -12.12 -3.39
CA VAL A 54 7.56 -13.37 -3.38
C VAL A 54 6.25 -13.09 -2.66
N ILE A 55 5.16 -13.54 -3.27
CA ILE A 55 3.87 -13.53 -2.59
C ILE A 55 3.37 -14.96 -2.60
N SER A 56 3.13 -15.52 -1.42
CA SER A 56 2.75 -16.92 -1.35
C SER A 56 1.54 -17.10 -0.45
N ASP A 57 0.63 -17.97 -0.90
CA ASP A 57 -0.44 -18.47 -0.05
C ASP A 57 0.16 -19.27 1.11
N VAL A 58 -0.56 -19.30 2.22
CA VAL A 58 -0.09 -20.11 3.35
C VAL A 58 -0.58 -21.56 3.23
N ASN A 59 -1.81 -21.81 2.80
CA ASN A 59 -2.44 -23.13 2.92
C ASN A 59 -2.43 -23.80 1.56
N MET A 60 -1.49 -24.71 1.35
CA MET A 60 -1.37 -25.29 0.02
C MET A 60 -1.26 -26.80 0.09
N PRO A 61 -1.71 -27.48 -0.95
CA PRO A 61 -1.57 -28.95 -1.00
C PRO A 61 -0.12 -29.38 -1.15
N GLY A 62 0.59 -29.44 -0.04
CA GLY A 62 1.99 -29.73 -0.07
C GLY A 62 2.68 -28.96 1.06
N MET A 63 3.89 -28.51 0.78
CA MET A 63 4.58 -27.64 1.71
C MET A 63 3.84 -26.31 1.84
N ASP A 64 3.73 -25.83 3.06
CA ASP A 64 2.97 -24.62 3.34
C ASP A 64 3.86 -23.38 3.29
N GLY A 65 3.20 -22.22 3.31
CA GLY A 65 3.91 -20.97 3.11
C GLY A 65 4.85 -20.61 4.25
N HIS A 66 4.55 -21.06 5.47
CA HIS A 66 5.50 -20.82 6.55
C HIS A 66 6.79 -21.60 6.33
N GLN A 67 6.68 -22.82 5.80
CA GLN A 67 7.89 -23.55 5.48
C GLN A 67 8.59 -22.98 4.27
N LEU A 68 7.83 -22.52 3.26
CA LEU A 68 8.47 -21.82 2.16
C LEU A 68 9.17 -20.55 2.66
N LEU A 69 8.51 -19.80 3.54
CA LEU A 69 9.11 -18.59 4.10
C LEU A 69 10.48 -18.87 4.70
N GLY A 70 10.54 -19.77 5.69
CA GLY A 70 11.80 -20.03 6.36
C GLY A 70 12.84 -20.51 5.38
N LEU A 71 12.39 -21.16 4.33
CA LEU A 71 13.30 -21.66 3.29
C LEU A 71 13.79 -20.50 2.43
N ILE A 72 12.95 -19.52 2.15
CA ILE A 72 13.44 -18.39 1.37
C ILE A 72 14.36 -17.53 2.23
N ARG A 73 14.02 -17.37 3.50
CA ARG A 73 14.88 -16.57 4.38
C ARG A 73 16.26 -17.19 4.52
N THR A 74 16.37 -18.50 4.31
CA THR A 74 17.66 -19.16 4.39
C THR A 74 18.45 -18.95 3.10
N ARG A 75 17.91 -19.44 2.00
CA ARG A 75 18.61 -19.43 0.71
C ARG A 75 18.71 -18.06 0.04
N TYR A 76 17.75 -17.16 0.24
CA TYR A 76 17.69 -15.88 -0.47
C TYR A 76 17.48 -14.78 0.55
N PRO A 77 18.50 -14.52 1.37
CA PRO A 77 18.32 -13.59 2.50
C PRO A 77 17.85 -12.21 2.09
N HIS A 78 18.07 -11.81 0.84
CA HIS A 78 17.72 -10.48 0.36
C HIS A 78 16.26 -10.38 -0.10
N LEU A 79 15.55 -11.49 -0.21
CA LEU A 79 14.28 -11.53 -0.95
C LEU A 79 13.10 -11.23 -0.04
N PRO A 80 12.36 -10.14 -0.27
CA PRO A 80 11.12 -9.91 0.52
C PRO A 80 10.05 -10.94 0.18
N VAL A 81 9.30 -11.32 1.21
CA VAL A 81 8.27 -12.35 1.11
C VAL A 81 7.01 -11.81 1.76
N LEU A 82 5.90 -11.88 1.04
CA LEU A 82 4.60 -11.59 1.63
C LEU A 82 3.83 -12.91 1.74
N LEU A 83 3.19 -13.11 2.87
CA LEU A 83 2.34 -14.26 3.06
C LEU A 83 0.89 -13.81 2.99
N MET A 84 0.06 -14.60 2.35
CA MET A 84 -1.38 -14.35 2.34
C MET A 84 -2.13 -15.61 2.75
N THR A 85 -3.27 -15.41 3.40
CA THR A 85 -4.01 -16.55 3.88
C THR A 85 -5.48 -16.21 3.97
N ALA A 86 -6.31 -17.24 3.78
CA ALA A 86 -7.74 -17.11 4.04
C ALA A 86 -8.04 -17.22 5.53
N TYR A 87 -7.24 -17.99 6.26
CA TYR A 87 -7.44 -18.25 7.67
C TYR A 87 -6.32 -17.54 8.44
N GLY A 88 -6.58 -16.30 8.82
CA GLY A 88 -5.62 -15.57 9.62
C GLY A 88 -5.60 -16.02 11.06
N ALA A 89 -4.42 -15.93 11.67
CA ALA A 89 -4.25 -16.24 13.08
C ALA A 89 -3.12 -15.39 13.64
N VAL A 90 -3.37 -14.77 14.79
CA VAL A 90 -2.42 -13.82 15.36
C VAL A 90 -1.08 -14.47 15.63
N ASP A 91 -1.07 -15.66 16.25
CA ASP A 91 0.19 -16.28 16.63
C ASP A 91 1.05 -16.56 15.41
N ARG A 92 0.45 -17.06 14.33
CA ARG A 92 1.21 -17.38 13.12
C ARG A 92 1.64 -16.13 12.37
N ALA A 93 0.82 -15.07 12.36
CA ALA A 93 1.26 -13.79 11.84
C ALA A 93 2.48 -13.29 12.57
N VAL A 94 2.46 -13.39 13.91
CA VAL A 94 3.60 -12.96 14.71
C VAL A 94 4.84 -13.77 14.34
N GLU A 95 4.69 -15.07 14.20
CA GLU A 95 5.83 -15.92 13.86
C GLU A 95 6.38 -15.59 12.47
N ALA A 96 5.51 -15.29 11.52
CA ALA A 96 6.00 -14.95 10.18
C ALA A 96 6.74 -13.62 10.19
N MET A 97 6.21 -12.62 10.92
CA MET A 97 6.91 -11.34 11.02
C MET A 97 8.25 -11.50 11.73
N ARG A 98 8.24 -12.19 12.86
CA ARG A 98 9.48 -12.48 13.58
C ARG A 98 10.53 -13.14 12.67
N GLN A 99 10.10 -13.96 11.72
CA GLN A 99 11.01 -14.59 10.78
C GLN A 99 11.30 -13.73 9.55
N GLY A 100 10.79 -12.51 9.50
CA GLY A 100 11.18 -11.59 8.45
C GLY A 100 10.28 -11.53 7.24
N ALA A 101 9.07 -12.08 7.32
CA ALA A 101 8.07 -11.82 6.30
C ALA A 101 7.85 -10.31 6.18
N ALA A 102 7.64 -9.83 4.95
CA ALA A 102 7.37 -8.42 4.78
C ALA A 102 5.99 -8.05 5.31
N ASP A 103 5.05 -8.97 5.25
CA ASP A 103 3.66 -8.71 5.62
C ASP A 103 2.96 -10.05 5.73
N TYR A 104 1.81 -10.04 6.38
CA TYR A 104 1.00 -11.23 6.54
C TYR A 104 -0.43 -10.80 6.29
N LEU A 105 -0.99 -11.27 5.18
CA LEU A 105 -2.22 -10.73 4.58
C LEU A 105 -3.37 -11.72 4.73
N VAL A 106 -4.48 -11.26 5.27
CA VAL A 106 -5.72 -12.04 5.25
C VAL A 106 -6.45 -11.71 3.96
N LYS A 107 -6.92 -12.75 3.25
CA LYS A 107 -7.68 -12.59 2.02
C LYS A 107 -9.13 -12.23 2.32
N PRO A 108 -9.79 -11.45 1.46
CA PRO A 108 -9.28 -10.94 0.18
C PRO A 108 -8.71 -9.54 0.31
N PHE A 109 -8.24 -8.97 -0.79
CA PHE A 109 -7.76 -7.60 -0.78
C PHE A 109 -7.83 -7.05 -2.19
N GLU A 110 -8.19 -5.79 -2.32
CA GLU A 110 -8.46 -5.24 -3.65
C GLU A 110 -7.16 -5.16 -4.47
N ALA A 111 -7.33 -5.14 -5.79
CA ALA A 111 -6.18 -5.11 -6.69
C ALA A 111 -5.28 -3.92 -6.41
N ARG A 112 -5.86 -2.76 -6.11
CA ARG A 112 -5.03 -1.59 -5.85
C ARG A 112 -4.22 -1.74 -4.56
N ALA A 113 -4.70 -2.56 -3.61
CA ALA A 113 -3.91 -2.82 -2.41
C ALA A 113 -2.69 -3.66 -2.72
N LEU A 114 -2.84 -4.65 -3.61
CA LEU A 114 -1.70 -5.48 -4.00
C LEU A 114 -0.62 -4.67 -4.70
N LEU A 115 -1.00 -3.70 -5.52
CA LEU A 115 0.03 -2.89 -6.17
C LEU A 115 0.71 -1.97 -5.16
N ASP A 116 0.00 -1.54 -4.13
CA ASP A 116 0.66 -0.78 -3.07
C ASP A 116 1.59 -1.66 -2.24
N LEU A 117 1.23 -2.93 -2.04
CA LEU A 117 2.12 -3.84 -1.33
C LEU A 117 3.42 -4.06 -2.10
N VAL A 118 3.33 -4.25 -3.42
CA VAL A 118 4.52 -4.44 -4.25
C VAL A 118 5.43 -3.23 -4.19
N ALA A 119 4.86 -2.03 -4.36
CA ALA A 119 5.66 -0.80 -4.30
C ALA A 119 6.31 -0.64 -2.93
N ARG A 120 5.59 -0.95 -1.86
CA ARG A 120 6.15 -0.79 -0.52
C ARG A 120 7.28 -1.79 -0.24
N HIS A 121 7.24 -2.99 -0.83
CA HIS A 121 8.08 -4.09 -0.39
C HIS A 121 9.02 -4.67 -1.43
N ALA A 122 8.73 -4.58 -2.72
CA ALA A 122 9.60 -5.23 -3.68
C ALA A 122 10.95 -4.51 -3.76
N LEU A 123 11.99 -5.26 -4.09
CA LEU A 123 13.31 -4.64 -4.28
C LEU A 123 13.25 -3.70 -5.48
N GLY A 124 13.90 -2.55 -5.34
CA GLY A 124 13.85 -1.50 -6.35
C GLY A 124 12.98 -0.32 -5.94
N MET B 4 9.42 1.28 11.98
CA MET B 4 8.60 2.50 11.96
C MET B 4 9.24 3.62 11.13
N MET B 5 10.11 4.43 11.73
CA MET B 5 10.71 5.62 11.06
C MET B 5 9.55 6.43 10.49
N ALA B 6 8.70 6.87 11.41
CA ALA B 6 7.41 7.59 11.22
C ALA B 6 7.44 8.79 10.27
N ALA B 7 6.24 9.10 9.82
CA ALA B 7 5.87 10.22 8.95
C ALA B 7 4.97 11.19 9.72
N LYS B 8 4.85 12.40 9.17
CA LYS B 8 4.01 13.45 9.72
C LYS B 8 2.99 13.83 8.65
N VAL B 9 1.72 13.55 8.92
CA VAL B 9 0.69 13.50 7.90
C VAL B 9 -0.32 14.58 8.17
N LEU B 10 -0.59 15.40 7.17
CA LEU B 10 -1.67 16.37 7.26
C LEU B 10 -2.93 15.69 6.73
N LEU B 11 -3.94 15.64 7.56
CA LEU B 11 -5.19 14.96 7.25
C LEU B 11 -6.22 16.05 7.04
N VAL B 12 -6.80 16.10 5.84
CA VAL B 12 -7.81 17.10 5.51
C VAL B 12 -9.08 16.33 5.21
N GLU B 13 -10.01 16.30 6.16
CA GLU B 13 -11.24 15.56 5.99
C GLU B 13 -12.35 16.26 6.76
N ASP B 14 -13.43 16.59 6.06
CA ASP B 14 -14.53 17.33 6.68
C ASP B 14 -15.51 16.43 7.42
N ASP B 15 -15.68 15.17 7.01
CA ASP B 15 -16.52 14.24 7.78
C ASP B 15 -15.79 13.86 9.07
N ARG B 16 -16.30 14.34 10.22
CA ARG B 16 -15.64 14.12 11.51
C ARG B 16 -15.46 12.64 11.83
N ALA B 17 -16.45 11.81 11.49
CA ALA B 17 -16.33 10.38 11.79
C ALA B 17 -15.15 9.76 11.05
N LEU B 18 -15.05 9.99 9.74
CA LEU B 18 -13.91 9.46 8.99
C LEU B 18 -12.59 10.08 9.44
N ARG B 19 -12.58 11.39 9.71
CA ARG B 19 -11.34 12.04 10.10
C ARG B 19 -10.74 11.39 11.36
N GLU B 20 -11.59 10.98 12.30
CA GLU B 20 -11.05 10.38 13.51
C GLU B 20 -10.66 8.92 13.29
N ALA B 21 -11.42 8.22 12.46
CA ALA B 21 -11.06 6.85 12.11
C ALA B 21 -9.67 6.79 11.46
N LEU B 22 -9.42 7.68 10.49
CA LEU B 22 -8.09 7.77 9.87
C LEU B 22 -7.05 8.26 10.86
N SER B 23 -7.43 9.18 11.74
CA SER B 23 -6.50 9.69 12.75
C SER B 23 -6.00 8.57 13.63
N ASP B 24 -6.92 7.81 14.21
CA ASP B 24 -6.56 6.70 15.08
C ASP B 24 -5.77 5.64 14.33
N THR B 25 -6.10 5.40 13.07
CA THR B 25 -5.32 4.44 12.30
C THR B 25 -3.89 4.95 12.07
N LEU B 26 -3.71 6.26 11.89
CA LEU B 26 -2.36 6.78 11.76
C LEU B 26 -1.54 6.56 13.03
N LEU B 27 -2.15 6.78 14.21
CA LEU B 27 -1.43 6.55 15.47
C LEU B 27 -1.05 5.10 15.62
N LEU B 28 -1.89 4.21 15.10
CA LEU B 28 -1.61 2.78 15.12
C LEU B 28 -0.31 2.46 14.42
N GLY B 29 -0.03 3.15 13.32
CA GLY B 29 1.18 2.92 12.57
C GLY B 29 2.36 3.71 13.06
N GLY B 30 2.20 4.39 14.19
CA GLY B 30 3.29 5.17 14.74
C GLY B 30 3.60 6.46 13.99
N HIS B 31 2.60 7.09 13.38
CA HIS B 31 2.84 8.33 12.66
C HIS B 31 2.35 9.52 13.45
N GLU B 32 2.97 10.67 13.23
CA GLU B 32 2.43 11.94 13.69
C GLU B 32 1.41 12.46 12.67
N PHE B 33 0.47 13.29 13.14
CA PHE B 33 -0.54 13.81 12.23
C PHE B 33 -1.12 15.10 12.77
N VAL B 34 -1.68 15.87 11.84
CA VAL B 34 -2.51 17.04 12.14
C VAL B 34 -3.78 16.88 11.31
N ALA B 35 -4.92 17.15 11.92
CA ALA B 35 -6.20 16.78 11.33
C ALA B 35 -7.06 18.04 11.25
N VAL B 36 -7.33 18.49 10.03
CA VAL B 36 -8.14 19.67 9.84
C VAL B 36 -9.34 19.29 8.99
N ASP B 37 -10.34 20.17 8.97
CA ASP B 37 -11.63 19.83 8.40
C ASP B 37 -11.88 20.49 7.06
N SER B 38 -10.95 21.28 6.54
CA SER B 38 -11.19 21.93 5.26
C SER B 38 -9.86 22.38 4.68
N ALA B 39 -9.90 22.76 3.40
CA ALA B 39 -8.74 23.36 2.77
C ALA B 39 -8.38 24.69 3.44
N GLU B 40 -9.39 25.50 3.75
CA GLU B 40 -9.12 26.79 4.37
C GLU B 40 -8.41 26.63 5.70
N ALA B 41 -8.72 25.57 6.44
CA ALA B 41 -7.96 25.28 7.64
C ALA B 41 -6.58 24.71 7.32
N ALA B 42 -6.47 23.92 6.24
CA ALA B 42 -5.20 23.27 5.93
C ALA B 42 -4.13 24.27 5.52
N LEU B 43 -4.50 25.23 4.68
CA LEU B 43 -3.49 26.12 4.10
C LEU B 43 -2.70 26.91 5.15
N PRO B 44 -3.29 27.36 6.27
CA PRO B 44 -2.47 27.92 7.35
C PRO B 44 -1.53 26.93 7.98
N VAL B 45 -2.03 25.73 8.32
CA VAL B 45 -1.19 24.74 8.97
C VAL B 45 0.02 24.42 8.10
N LEU B 46 -0.19 24.31 6.78
CA LEU B 46 0.92 24.04 5.87
C LEU B 46 1.95 25.16 5.90
N ALA B 47 1.50 26.40 6.08
CA ALA B 47 2.42 27.52 6.15
C ALA B 47 3.16 27.61 7.47
N ARG B 48 2.76 26.86 8.50
CA ARG B 48 3.43 26.85 9.80
C ARG B 48 4.21 25.58 10.09
N GLU B 49 3.64 24.40 9.88
CA GLU B 49 4.31 23.13 10.17
C GLU B 49 4.81 22.48 8.88
N ALA B 50 5.87 21.66 9.02
CA ALA B 50 6.42 20.88 7.92
C ALA B 50 5.85 19.46 7.97
N PHE B 51 5.53 18.90 6.80
CA PHE B 51 4.87 17.61 6.72
C PHE B 51 5.60 16.66 5.78
N SER B 52 5.34 15.36 5.99
CA SER B 52 5.82 14.31 5.11
C SER B 52 4.80 13.91 4.06
N LEU B 53 3.52 14.23 4.26
CA LEU B 53 2.48 13.79 3.34
C LEU B 53 1.20 14.58 3.63
N VAL B 54 0.41 14.82 2.59
CA VAL B 54 -0.93 15.40 2.74
C VAL B 54 -1.95 14.43 2.16
N ILE B 55 -3.02 14.18 2.90
CA ILE B 55 -4.13 13.33 2.50
C ILE B 55 -5.41 14.18 2.59
N SER B 56 -6.06 14.43 1.47
CA SER B 56 -7.18 15.36 1.48
C SER B 56 -8.37 14.79 0.73
N ASP B 57 -9.54 14.90 1.35
CA ASP B 57 -10.80 14.68 0.66
C ASP B 57 -10.94 15.65 -0.52
N VAL B 58 -11.72 15.25 -1.52
CA VAL B 58 -11.88 16.09 -2.70
C VAL B 58 -13.04 17.07 -2.54
N ASN B 59 -14.20 16.61 -2.07
CA ASN B 59 -15.41 17.43 -2.04
C ASN B 59 -15.62 18.03 -0.65
N MET B 60 -15.46 19.34 -0.54
CA MET B 60 -15.47 19.94 0.79
C MET B 60 -16.32 21.21 0.81
N PRO B 61 -16.58 21.83 1.98
CA PRO B 61 -17.50 22.99 2.01
C PRO B 61 -17.02 24.15 1.15
N GLY B 62 -15.81 24.61 1.43
CA GLY B 62 -15.22 25.67 0.65
C GLY B 62 -14.40 25.11 -0.50
N MET B 63 -13.14 25.50 -0.55
CA MET B 63 -12.26 25.09 -1.63
C MET B 63 -12.14 23.57 -1.68
N ASP B 64 -12.12 23.03 -2.90
CA ASP B 64 -12.09 21.58 -3.08
C ASP B 64 -10.65 21.08 -3.20
N GLY B 65 -10.51 19.75 -3.11
CA GLY B 65 -9.19 19.16 -3.02
C GLY B 65 -8.35 19.32 -4.26
N HIS B 66 -8.99 19.44 -5.43
CA HIS B 66 -8.23 19.65 -6.66
C HIS B 66 -7.58 21.02 -6.68
N GLN B 67 -8.31 22.05 -6.29
CA GLN B 67 -7.70 23.36 -6.17
C GLN B 67 -6.62 23.36 -5.10
N LEU B 68 -6.90 22.73 -3.95
CA LEU B 68 -5.89 22.59 -2.91
C LEU B 68 -4.64 21.87 -3.43
N LEU B 69 -4.83 20.81 -4.21
CA LEU B 69 -3.67 20.14 -4.81
C LEU B 69 -2.83 21.12 -5.60
N GLY B 70 -3.48 21.92 -6.46
CA GLY B 70 -2.76 22.89 -7.26
C GLY B 70 -1.97 23.87 -6.43
N LEU B 71 -2.57 24.38 -5.35
CA LEU B 71 -1.87 25.35 -4.50
C LEU B 71 -0.68 24.72 -3.79
N ILE B 72 -0.77 23.45 -3.44
CA ILE B 72 0.32 22.79 -2.73
C ILE B 72 1.47 22.47 -3.67
N ARG B 73 1.17 22.05 -4.90
CA ARG B 73 2.25 21.81 -5.84
C ARG B 73 3.06 23.08 -6.10
N THR B 74 2.39 24.24 -6.10
CA THR B 74 3.06 25.51 -6.35
C THR B 74 3.89 25.94 -5.16
N ARG B 75 3.29 25.95 -3.96
CA ARG B 75 3.96 26.45 -2.78
C ARG B 75 5.01 25.49 -2.25
N TYR B 76 4.70 24.19 -2.23
CA TYR B 76 5.58 23.17 -1.66
C TYR B 76 5.66 22.01 -2.63
N PRO B 77 6.38 22.16 -3.74
CA PRO B 77 6.41 21.12 -4.79
C PRO B 77 7.07 19.82 -4.37
N HIS B 78 7.72 19.78 -3.21
CA HIS B 78 8.33 18.56 -2.70
C HIS B 78 7.36 17.67 -1.95
N LEU B 79 6.22 18.23 -1.55
CA LEU B 79 5.29 17.59 -0.61
C LEU B 79 4.33 16.64 -1.32
N PRO B 80 4.35 15.33 -1.03
CA PRO B 80 3.39 14.43 -1.67
C PRO B 80 1.97 14.67 -1.18
N VAL B 81 1.02 14.45 -2.08
CA VAL B 81 -0.40 14.75 -1.84
C VAL B 81 -1.23 13.59 -2.37
N LEU B 82 -1.98 12.94 -1.48
CA LEU B 82 -2.96 11.94 -1.86
C LEU B 82 -4.34 12.56 -1.79
N LEU B 83 -5.15 12.35 -2.83
CA LEU B 83 -6.54 12.77 -2.82
C LEU B 83 -7.46 11.57 -2.59
N MET B 84 -8.50 11.77 -1.80
CA MET B 84 -9.48 10.72 -1.54
C MET B 84 -10.88 11.27 -1.80
N THR B 85 -11.78 10.41 -2.26
CA THR B 85 -13.08 10.90 -2.64
C THR B 85 -14.11 9.79 -2.44
N ALA B 86 -15.32 10.20 -2.04
CA ALA B 86 -16.45 9.29 -2.01
C ALA B 86 -16.89 8.99 -3.44
N TYR B 87 -16.91 10.01 -4.29
CA TYR B 87 -17.32 9.87 -5.70
C TYR B 87 -16.13 10.13 -6.61
N GLY B 88 -15.72 9.08 -7.27
CA GLY B 88 -14.58 9.06 -8.18
C GLY B 88 -15.05 9.14 -9.63
N ALA B 89 -14.59 10.18 -10.31
CA ALA B 89 -14.76 10.25 -11.74
C ALA B 89 -13.41 10.06 -12.42
N VAL B 90 -13.40 9.22 -13.47
CA VAL B 90 -12.16 8.93 -14.20
C VAL B 90 -11.50 10.21 -14.69
N ASP B 91 -12.27 11.11 -15.29
CA ASP B 91 -11.68 12.34 -15.81
C ASP B 91 -11.00 13.15 -14.69
N ARG B 92 -11.60 13.16 -13.50
CA ARG B 92 -10.98 13.86 -12.39
C ARG B 92 -9.77 13.11 -11.85
N ALA B 93 -9.79 11.78 -11.89
CA ALA B 93 -8.62 11.04 -11.43
C ALA B 93 -7.44 11.32 -12.33
N VAL B 94 -7.69 11.37 -13.64
CA VAL B 94 -6.64 11.64 -14.62
C VAL B 94 -6.07 13.04 -14.41
N GLU B 95 -6.94 14.03 -14.19
CA GLU B 95 -6.45 15.39 -14.02
C GLU B 95 -5.61 15.55 -12.75
N ALA B 96 -6.04 14.91 -11.65
CA ALA B 96 -5.25 14.97 -10.42
C ALA B 96 -3.86 14.35 -10.61
N MET B 97 -3.78 13.20 -11.28
CA MET B 97 -2.49 12.55 -11.50
C MET B 97 -1.63 13.36 -12.47
N ARG B 98 -2.26 13.99 -13.46
CA ARG B 98 -1.53 14.88 -14.34
C ARG B 98 -0.92 16.06 -13.59
N GLN B 99 -1.61 16.55 -12.54
CA GLN B 99 -1.10 17.63 -11.71
C GLN B 99 -0.10 17.15 -10.66
N GLY B 100 0.16 15.85 -10.59
CA GLY B 100 1.14 15.33 -9.66
C GLY B 100 0.59 14.82 -8.35
N ALA B 101 -0.68 14.48 -8.28
CA ALA B 101 -1.16 13.77 -7.12
C ALA B 101 -0.38 12.48 -6.99
N ALA B 102 -0.06 12.10 -5.76
CA ALA B 102 0.63 10.83 -5.62
C ALA B 102 -0.32 9.68 -5.84
N ASP B 103 -1.61 9.88 -5.59
CA ASP B 103 -2.62 8.85 -5.79
C ASP B 103 -3.98 9.53 -5.72
N TYR B 104 -4.98 8.85 -6.26
CA TYR B 104 -6.36 9.32 -6.27
C TYR B 104 -7.21 8.10 -5.92
N LEU B 105 -7.83 8.13 -4.74
CA LEU B 105 -8.39 6.94 -4.09
C LEU B 105 -9.88 7.11 -3.87
N VAL B 106 -10.64 6.07 -4.20
CA VAL B 106 -12.07 6.07 -3.91
C VAL B 106 -12.31 5.37 -2.58
N LYS B 107 -13.05 6.03 -1.70
CA LYS B 107 -13.35 5.50 -0.38
C LYS B 107 -14.34 4.34 -0.48
N PRO B 108 -14.35 3.44 0.52
CA PRO B 108 -13.48 3.46 1.70
C PRO B 108 -12.22 2.61 1.51
N PHE B 109 -11.35 2.62 2.50
CA PHE B 109 -10.21 1.72 2.54
C PHE B 109 -9.96 1.36 3.99
N GLU B 110 -9.40 0.18 4.22
CA GLU B 110 -9.17 -0.24 5.59
C GLU B 110 -7.88 0.39 6.14
N ALA B 111 -7.70 0.26 7.46
CA ALA B 111 -6.48 0.75 8.10
C ALA B 111 -5.23 0.19 7.42
N ARG B 112 -5.33 -1.08 7.01
CA ARG B 112 -4.24 -1.78 6.28
C ARG B 112 -3.76 -0.92 5.10
N ALA B 113 -4.67 -0.64 4.16
CA ALA B 113 -4.35 0.14 2.97
C ALA B 113 -3.85 1.53 3.33
N LEU B 114 -4.45 2.15 4.33
CA LEU B 114 -4.04 3.50 4.69
C LEU B 114 -2.58 3.54 5.10
N LEU B 115 -2.16 2.63 5.99
CA LEU B 115 -0.75 2.63 6.40
C LEU B 115 0.17 2.24 5.25
N ASP B 116 -0.28 1.33 4.39
CA ASP B 116 0.51 1.00 3.19
C ASP B 116 0.69 2.21 2.28
N LEU B 117 -0.35 3.05 2.14
CA LEU B 117 -0.21 4.25 1.32
C LEU B 117 0.75 5.26 1.95
N VAL B 118 0.73 5.38 3.28
CA VAL B 118 1.67 6.25 3.96
C VAL B 118 3.10 5.77 3.74
N ALA B 119 3.34 4.47 3.87
CA ALA B 119 4.70 3.96 3.64
C ALA B 119 5.13 4.19 2.21
N ARG B 120 4.21 4.03 1.25
CA ARG B 120 4.56 4.20 -0.15
C ARG B 120 4.91 5.64 -0.49
N HIS B 121 4.16 6.62 0.02
CA HIS B 121 4.27 7.98 -0.52
C HIS B 121 4.83 9.03 0.43
N ALA B 122 4.73 8.85 1.74
CA ALA B 122 5.27 9.85 2.64
C ALA B 122 6.77 10.00 2.43
N LEU B 123 7.26 11.21 2.66
CA LEU B 123 8.70 11.46 2.58
C LEU B 123 9.40 10.79 3.75
N GLY B 124 10.66 10.41 3.52
CA GLY B 124 11.47 9.77 4.54
C GLY B 124 12.04 10.76 5.52
N GLN B 125 12.49 11.91 5.01
CA GLN B 125 12.90 13.08 5.78
C GLN B 125 13.91 12.77 6.90
CA CA C . -4.59 -22.55 -0.92
C ACT D . -3.88 -26.01 -8.77
O ACT D . -2.79 -26.53 -9.17
OXT ACT D . -4.51 -25.02 -9.27
CH3 ACT D . -4.54 -26.70 -7.52
CA CA E . -16.48 15.83 2.12
CA CA F . -16.92 22.80 -2.17
#